data_1IGX
#
_entry.id   1IGX
#
_cell.length_a   182.17
_cell.length_b   182.17
_cell.length_c   103.11
_cell.angle_alpha   90.0
_cell.angle_beta   90.0
_cell.angle_gamma   120.0
#
_symmetry.space_group_name_H-M   'P 65 2 2'
#
loop_
_entity.id
_entity.type
_entity.pdbx_description
1 polymer 'Prostaglandin Endoperoxide H Synthase-1'
2 branched 2-acetamido-2-deoxy-alpha-D-glucopyranose-(1-4)-2-acetamido-2-deoxy-beta-D-glucopyranose
3 branched alpha-D-mannopyranose-(1-3)-beta-D-mannopyranose-(1-6)-beta-D-mannopyranose-(1-4)-2-acetamido-2-deoxy-beta-D-glucopyranose-(1-4)-2-acetamido-2-deoxy-beta-D-glucopyranose
4 branched 2-acetamido-2-deoxy-beta-D-glucopyranose-(1-4)-2-acetamido-2-deoxy-beta-D-glucopyranose
5 non-polymer 'octyl beta-D-glucopyranoside'
6 non-polymer beta-D-glucopyranose
7 non-polymer 'PROTOPORPHYRIN IX CONTAINING CO'
8 non-polymer '5,8,11,14,17-EICOSAPENTAENOIC ACID'
9 water water
#
_entity_poly.entity_id   1
_entity_poly.type   'polypeptide(L)'
_entity_poly.pdbx_seq_one_letter_code
;ADPGAPAPVNPCCYYPCQHQGICVRFGLDRYQCDCTRTGYSGPNCTIPEIWTWLRTTLRPSPSFIHFLLTHGRWLWDFVN
ATFIRDTLMRLVLTVRSNLIPSPPTYNIAHDYISWESFSNVSYYTRILPSVPRDCPTPMGTKGKKQLPDAEFLSRRFLLR
RKFIPDPQGTNLMFAFFAQHFTHQFFKTSGKMGPGFTKALGHGVDLGHIYGDNLERQYQLRLFKDGKLKYQMLNGEVYPP
SVEEAPVLMHYPRGIPPQSQMAVGQEVFGLLPGLMLYATIWLREHNRVCDLLKAEHPTWGDEQLFQTARLILIGETIKIV
IEEYVQQLSGYFLQLKFDPELLFGAQFQYRNRIAMEFNQLYHWHPLMPDSFRVGPQDYSYEQFLFNTSMLVDYGVEALVD
AFSRQPAGRIGGGRNIDHHILHVAVDVIKESRVLRLQPFNEYRKRFGMKPYTSFQELTGEKEMAAELEELYGDIDALEFY
PGLLLEKCHPNSIFGESMIEMGAPFSLKGLLGNPICSPEYWKASTFGGEVGFNLVKTATLKKLVCLNTKTCPYVSFHVPD
PRQEDRPGVERPPTEL
;
_entity_poly.pdbx_strand_id   A
#
# COMPACT_ATOMS: atom_id res chain seq x y z
N PRO A 8 -36.27 -3.39 17.81
CA PRO A 8 -36.49 -2.78 16.45
C PRO A 8 -35.17 -2.79 15.65
N VAL A 9 -35.20 -3.30 14.43
CA VAL A 9 -33.98 -3.34 13.60
C VAL A 9 -33.39 -1.97 13.28
N ASN A 10 -32.12 -1.79 13.62
CA ASN A 10 -31.41 -0.54 13.36
C ASN A 10 -31.34 -0.37 11.86
N PRO A 11 -32.27 0.43 11.30
CA PRO A 11 -32.39 0.70 9.87
C PRO A 11 -31.08 0.90 9.12
N CYS A 12 -30.08 1.49 9.76
CA CYS A 12 -28.83 1.67 9.04
C CYS A 12 -28.15 0.33 8.78
N CYS A 13 -28.86 -0.76 9.08
CA CYS A 13 -28.34 -2.10 8.86
C CYS A 13 -28.59 -2.51 7.42
N TYR A 14 -29.48 -1.78 6.77
CA TYR A 14 -29.81 -2.07 5.37
C TYR A 14 -28.93 -1.25 4.45
N TYR A 15 -28.40 -0.15 4.97
CA TYR A 15 -27.56 0.73 4.21
C TYR A 15 -28.43 1.40 3.17
N PRO A 16 -29.47 2.13 3.62
CA PRO A 16 -30.37 2.81 2.71
C PRO A 16 -29.63 3.89 1.93
N CYS A 17 -28.93 4.74 2.66
CA CYS A 17 -28.20 5.83 2.03
C CYS A 17 -27.30 5.31 0.95
N GLN A 18 -27.35 6.03 -0.18
CA GLN A 18 -26.58 5.72 -1.39
C GLN A 18 -25.71 6.92 -1.77
N HIS A 19 -24.66 6.65 -2.56
CA HIS A 19 -23.77 7.70 -3.02
C HIS A 19 -23.09 8.45 -1.92
N GLN A 20 -22.64 7.72 -0.91
CA GLN A 20 -21.94 8.33 0.19
C GLN A 20 -22.82 9.22 1.07
N GLY A 21 -24.06 8.84 1.25
CA GLY A 21 -24.95 9.61 2.12
C GLY A 21 -24.90 9.08 3.54
N ILE A 22 -24.77 9.97 4.52
CA ILE A 22 -24.71 9.58 5.92
C ILE A 22 -26.02 9.08 6.53
N CYS A 23 -26.03 7.82 6.96
CA CYS A 23 -27.21 7.25 7.59
C CYS A 23 -27.28 7.71 9.05
N VAL A 24 -28.45 8.14 9.50
CA VAL A 24 -28.60 8.62 10.86
C VAL A 24 -29.92 8.33 11.56
N ARG A 25 -29.80 7.66 12.70
CA ARG A 25 -30.92 7.28 13.54
C ARG A 25 -31.65 8.51 14.03
N PHE A 26 -32.96 8.53 13.84
CA PHE A 26 -33.77 9.66 14.30
C PHE A 26 -34.94 9.10 15.05
N GLY A 27 -35.05 9.48 16.31
CA GLY A 27 -36.14 8.97 17.13
C GLY A 27 -35.76 7.58 17.55
N LEU A 28 -36.75 6.69 17.68
CA LEU A 28 -36.48 5.32 18.10
C LEU A 28 -36.24 4.33 16.99
N ASP A 29 -37.09 4.38 15.96
CA ASP A 29 -37.00 3.43 14.87
C ASP A 29 -36.76 3.94 13.46
N ARG A 30 -36.61 5.25 13.29
CA ARG A 30 -36.41 5.83 11.96
C ARG A 30 -34.97 6.18 11.67
N TYR A 31 -34.77 6.83 10.52
CA TYR A 31 -33.44 7.27 10.12
C TYR A 31 -33.56 8.39 9.08
N GLN A 32 -32.42 8.99 8.73
CA GLN A 32 -32.40 10.05 7.75
C GLN A 32 -31.06 10.08 7.04
N CYS A 33 -31.09 10.19 5.72
CA CYS A 33 -29.85 10.26 4.97
C CYS A 33 -29.49 11.73 4.77
N ASP A 34 -28.22 12.03 4.98
CA ASP A 34 -27.70 13.38 4.84
C ASP A 34 -26.95 13.41 3.52
N CYS A 35 -27.69 13.67 2.45
CA CYS A 35 -27.15 13.66 1.13
C CYS A 35 -26.29 14.85 0.76
N THR A 36 -26.08 15.78 1.69
CA THR A 36 -25.27 16.95 1.38
C THR A 36 -24.10 16.62 0.45
N ARG A 37 -23.83 17.53 -0.48
CA ARG A 37 -22.76 17.41 -1.48
C ARG A 37 -22.47 16.04 -2.05
N THR A 38 -23.47 15.18 -2.09
CA THR A 38 -23.26 13.86 -2.64
C THR A 38 -23.55 13.86 -4.12
N GLY A 39 -24.29 14.87 -4.55
CA GLY A 39 -24.64 14.96 -5.95
C GLY A 39 -26.07 14.50 -6.13
N TYR A 40 -26.67 13.98 -5.07
CA TYR A 40 -28.04 13.53 -5.16
C TYR A 40 -28.89 14.18 -4.09
N SER A 41 -30.16 13.81 -4.10
CA SER A 41 -31.11 14.33 -3.14
C SER A 41 -32.14 13.24 -2.94
N GLY A 42 -32.97 13.40 -1.91
CA GLY A 42 -33.99 12.40 -1.65
C GLY A 42 -33.75 11.57 -0.41
N PRO A 43 -34.79 10.93 0.13
CA PRO A 43 -34.72 10.09 1.33
C PRO A 43 -33.46 9.24 1.41
N ASN A 44 -33.08 8.61 0.30
CA ASN A 44 -31.89 7.76 0.27
C ASN A 44 -30.77 8.25 -0.69
N CYS A 45 -30.89 9.49 -1.18
CA CYS A 45 -29.91 10.05 -2.12
C CYS A 45 -29.84 9.20 -3.37
N THR A 46 -30.85 9.31 -4.22
CA THR A 46 -30.94 8.54 -5.45
C THR A 46 -31.65 9.36 -6.51
N ILE A 47 -31.58 10.67 -6.36
CA ILE A 47 -32.23 11.58 -7.29
C ILE A 47 -31.15 12.51 -7.78
N PRO A 48 -30.36 12.03 -8.75
CA PRO A 48 -29.24 12.72 -9.40
C PRO A 48 -29.52 14.15 -9.75
N GLU A 49 -28.76 15.07 -9.18
CA GLU A 49 -28.96 16.47 -9.51
C GLU A 49 -28.69 16.49 -11.00
N ILE A 50 -29.18 17.53 -11.65
CA ILE A 50 -29.04 17.68 -13.07
C ILE A 50 -27.64 17.29 -13.63
N TRP A 51 -26.57 17.85 -13.07
CA TRP A 51 -25.23 17.54 -13.56
C TRP A 51 -24.77 16.11 -13.29
N THR A 52 -25.06 15.63 -12.09
CA THR A 52 -24.68 14.27 -11.73
C THR A 52 -25.19 13.40 -12.85
N TRP A 53 -26.49 13.54 -13.10
CA TRP A 53 -27.16 12.81 -14.17
C TRP A 53 -26.34 12.88 -15.46
N LEU A 54 -26.00 14.09 -15.89
CA LEU A 54 -25.19 14.21 -17.08
C LEU A 54 -23.95 13.34 -16.90
N ARG A 55 -23.12 13.69 -15.93
CA ARG A 55 -21.89 12.94 -15.67
C ARG A 55 -22.13 11.43 -15.64
N THR A 56 -23.20 11.00 -15.00
CA THR A 56 -23.49 9.56 -14.94
C THR A 56 -23.91 9.01 -16.30
N THR A 57 -24.57 9.82 -17.12
CA THR A 57 -25.00 9.36 -18.45
C THR A 57 -23.88 9.40 -19.50
N LEU A 58 -22.85 10.21 -19.26
CA LEU A 58 -21.74 10.29 -20.21
C LEU A 58 -20.49 9.52 -19.78
N ARG A 59 -20.38 9.20 -18.49
CA ARG A 59 -19.22 8.47 -17.98
C ARG A 59 -19.29 6.97 -18.30
N PRO A 60 -18.19 6.42 -18.85
CA PRO A 60 -18.06 5.02 -19.22
C PRO A 60 -17.73 4.09 -18.03
N SER A 61 -17.70 2.79 -18.30
CA SER A 61 -17.39 1.81 -17.27
C SER A 61 -15.89 1.87 -17.00
N PRO A 62 -15.50 1.71 -15.74
CA PRO A 62 -14.07 1.76 -15.43
C PRO A 62 -13.44 0.56 -16.11
N SER A 63 -14.30 -0.42 -16.42
CA SER A 63 -13.89 -1.64 -17.09
C SER A 63 -13.39 -1.24 -18.48
N PHE A 64 -14.07 -0.26 -19.05
CA PHE A 64 -13.77 0.28 -20.37
C PHE A 64 -12.44 1.03 -20.36
N ILE A 65 -12.33 2.02 -19.49
CA ILE A 65 -11.12 2.80 -19.36
C ILE A 65 -9.91 1.87 -19.28
N HIS A 66 -9.97 0.93 -18.35
CA HIS A 66 -8.85 0.02 -18.22
C HIS A 66 -8.52 -0.51 -19.57
N PHE A 67 -9.53 -0.63 -20.42
CA PHE A 67 -9.30 -1.14 -21.77
C PHE A 67 -8.42 -0.18 -22.58
N LEU A 68 -8.86 1.05 -22.70
CA LEU A 68 -8.10 2.04 -23.44
C LEU A 68 -6.69 2.12 -22.89
N LEU A 69 -6.59 2.39 -21.59
CA LEU A 69 -5.29 2.51 -20.92
C LEU A 69 -4.34 1.36 -21.18
N THR A 70 -4.88 0.25 -21.65
CA THR A 70 -4.06 -0.91 -21.89
C THR A 70 -4.11 -1.46 -23.30
N HIS A 71 -4.36 -0.59 -24.28
CA HIS A 71 -4.44 -1.04 -25.67
C HIS A 71 -3.85 -0.20 -26.80
N GLY A 72 -4.09 1.10 -26.76
CA GLY A 72 -3.59 1.95 -27.83
C GLY A 72 -2.08 1.96 -28.08
N ARG A 73 -1.49 0.78 -28.25
CA ARG A 73 -0.05 0.66 -28.49
C ARG A 73 0.55 1.95 -29.07
N TRP A 74 -0.09 2.52 -30.08
CA TRP A 74 0.38 3.76 -30.73
C TRP A 74 -0.13 5.05 -30.11
N LEU A 75 -1.44 5.17 -30.02
CA LEU A 75 -2.10 6.33 -29.45
C LEU A 75 -1.36 6.78 -28.19
N TRP A 76 -0.92 5.80 -27.39
CA TRP A 76 -0.23 6.09 -26.14
C TRP A 76 1.18 6.63 -26.29
N ASP A 77 1.97 6.07 -27.20
CA ASP A 77 3.33 6.56 -27.40
C ASP A 77 3.28 8.05 -27.81
N PHE A 78 2.23 8.42 -28.55
CA PHE A 78 2.04 9.81 -28.99
C PHE A 78 1.55 10.66 -27.83
N VAL A 79 0.60 10.12 -27.07
CA VAL A 79 0.09 10.84 -25.91
C VAL A 79 1.24 10.98 -24.92
N ASN A 80 2.05 9.92 -24.84
CA ASN A 80 3.17 9.89 -23.91
C ASN A 80 4.26 10.88 -24.29
N ALA A 81 4.30 11.29 -25.56
CA ALA A 81 5.33 12.22 -26.01
C ALA A 81 4.93 13.70 -26.02
N THR A 82 3.70 13.99 -25.62
CA THR A 82 3.25 15.36 -25.61
C THR A 82 2.57 15.68 -24.29
N PHE A 83 2.28 16.95 -24.10
CA PHE A 83 1.59 17.47 -22.91
C PHE A 83 0.34 16.65 -22.65
N ILE A 84 -0.19 16.03 -23.70
CA ILE A 84 -1.40 15.22 -23.56
C ILE A 84 -1.17 14.26 -22.39
N ARG A 85 0.11 14.08 -22.06
CA ARG A 85 0.53 13.23 -20.96
C ARG A 85 0.16 13.86 -19.62
N ASP A 86 0.82 14.96 -19.27
CA ASP A 86 0.55 15.64 -18.00
C ASP A 86 -0.94 15.77 -17.79
N THR A 87 -1.63 16.10 -18.87
CA THR A 87 -3.07 16.27 -18.83
C THR A 87 -3.73 15.05 -18.22
N LEU A 88 -3.49 13.90 -18.84
CA LEU A 88 -4.07 12.65 -18.36
C LEU A 88 -3.60 12.38 -16.92
N MET A 89 -2.33 12.67 -16.66
CA MET A 89 -1.78 12.46 -15.33
C MET A 89 -2.61 13.29 -14.36
N ARG A 90 -2.66 14.60 -14.60
CA ARG A 90 -3.42 15.47 -13.71
C ARG A 90 -4.81 14.94 -13.54
N LEU A 91 -5.39 14.48 -14.64
CA LEU A 91 -6.72 13.94 -14.58
C LEU A 91 -6.67 12.72 -13.66
N VAL A 92 -6.03 11.65 -14.13
CA VAL A 92 -5.89 10.42 -13.36
C VAL A 92 -5.84 10.69 -11.86
N LEU A 93 -4.90 11.54 -11.46
CA LEU A 93 -4.76 11.91 -10.04
C LEU A 93 -6.09 12.43 -9.48
N THR A 94 -6.32 13.74 -9.61
CA THR A 94 -7.55 14.40 -9.12
C THR A 94 -8.71 13.46 -8.86
N VAL A 95 -9.28 12.94 -9.95
CA VAL A 95 -10.39 12.00 -9.88
C VAL A 95 -10.16 10.97 -8.79
N ARG A 96 -9.28 10.02 -9.09
CA ARG A 96 -8.93 8.96 -8.17
C ARG A 96 -8.87 9.47 -6.73
N SER A 97 -8.09 10.51 -6.48
CA SER A 97 -7.92 11.02 -5.12
C SER A 97 -9.16 11.67 -4.46
N ASN A 98 -10.01 12.30 -5.27
CA ASN A 98 -11.21 12.96 -4.76
C ASN A 98 -12.16 11.99 -4.01
N LEU A 99 -11.71 10.77 -3.74
CA LEU A 99 -12.57 9.81 -3.06
C LEU A 99 -12.35 9.64 -1.57
N ILE A 100 -11.10 9.52 -1.16
CA ILE A 100 -10.78 9.35 0.25
C ILE A 100 -11.09 10.61 1.04
N PRO A 101 -12.12 10.56 1.89
CA PRO A 101 -12.48 11.74 2.68
C PRO A 101 -11.28 12.26 3.44
N SER A 102 -11.14 13.58 3.44
CA SER A 102 -10.03 14.24 4.09
C SER A 102 -10.41 15.70 4.31
N PRO A 103 -10.34 16.18 5.56
CA PRO A 103 -9.95 15.45 6.77
C PRO A 103 -10.60 14.08 6.91
N PRO A 104 -9.92 13.13 7.60
CA PRO A 104 -10.36 11.75 7.84
C PRO A 104 -11.68 11.70 8.58
N THR A 105 -12.46 10.67 8.32
CA THR A 105 -13.76 10.57 8.95
C THR A 105 -13.88 9.72 10.20
N TYR A 106 -14.11 8.43 10.03
CA TYR A 106 -14.31 7.57 11.19
C TYR A 106 -13.16 6.61 11.51
N ASN A 107 -13.29 5.91 12.64
CA ASN A 107 -12.32 4.93 13.10
C ASN A 107 -13.03 3.83 13.86
N ILE A 108 -12.30 2.77 14.17
CA ILE A 108 -12.85 1.63 14.90
C ILE A 108 -13.74 2.00 16.07
N ALA A 109 -13.51 3.19 16.63
CA ALA A 109 -14.28 3.64 17.78
C ALA A 109 -15.43 4.60 17.51
N HIS A 110 -15.49 5.13 16.30
CA HIS A 110 -16.55 6.07 15.97
C HIS A 110 -17.13 6.01 14.55
N ASP A 111 -18.42 5.70 14.45
CA ASP A 111 -19.04 5.66 13.14
C ASP A 111 -19.72 7.00 12.93
N TYR A 112 -18.96 8.07 13.17
CA TYR A 112 -19.44 9.45 13.04
C TYR A 112 -18.29 10.41 13.28
N ILE A 113 -18.32 11.58 12.64
CA ILE A 113 -17.25 12.55 12.80
C ILE A 113 -17.08 12.96 14.24
N SER A 114 -15.83 13.04 14.69
CA SER A 114 -15.53 13.42 16.07
C SER A 114 -14.16 14.06 16.15
N TRP A 115 -14.00 14.96 17.12
CA TRP A 115 -12.73 15.64 17.29
C TRP A 115 -11.70 14.62 17.68
N GLU A 116 -12.19 13.55 18.29
CA GLU A 116 -11.35 12.47 18.74
C GLU A 116 -10.78 11.80 17.49
N SER A 117 -11.66 11.29 16.65
CA SER A 117 -11.25 10.62 15.43
C SER A 117 -10.28 11.46 14.65
N PHE A 118 -10.51 12.76 14.64
CA PHE A 118 -9.66 13.68 13.92
C PHE A 118 -8.22 13.75 14.39
N SER A 119 -8.00 13.89 15.71
CA SER A 119 -6.66 14.05 16.29
C SER A 119 -5.94 12.85 16.87
N ASN A 120 -6.67 11.86 17.39
CA ASN A 120 -6.00 10.69 17.97
C ASN A 120 -5.38 9.90 16.85
N VAL A 121 -4.24 10.36 16.36
CA VAL A 121 -3.52 9.70 15.28
C VAL A 121 -3.39 8.18 15.45
N SER A 122 -3.62 7.68 16.66
CA SER A 122 -3.49 6.25 16.90
C SER A 122 -4.44 5.42 16.06
N TYR A 123 -5.71 5.80 16.05
CA TYR A 123 -6.73 5.08 15.28
C TYR A 123 -6.52 5.01 13.75
N TYR A 124 -6.49 3.81 13.19
CA TYR A 124 -6.41 3.69 11.73
C TYR A 124 -7.75 4.32 11.36
N THR A 125 -7.93 4.75 10.11
CA THR A 125 -9.22 5.34 9.76
C THR A 125 -9.98 4.55 8.74
N ARG A 126 -11.30 4.69 8.74
CA ARG A 126 -12.09 3.93 7.79
C ARG A 126 -12.85 4.79 6.80
N ILE A 127 -13.14 4.20 5.65
CA ILE A 127 -13.85 4.88 4.60
C ILE A 127 -15.32 4.74 4.84
N LEU A 128 -15.73 3.54 5.18
CA LEU A 128 -17.13 3.28 5.47
C LEU A 128 -17.31 3.02 6.95
N PRO A 129 -18.49 3.30 7.49
CA PRO A 129 -18.65 3.04 8.91
C PRO A 129 -18.54 1.55 9.09
N SER A 130 -18.81 1.06 10.28
CA SER A 130 -18.72 -0.37 10.52
C SER A 130 -20.11 -0.97 10.41
N VAL A 131 -20.22 -2.29 10.50
CA VAL A 131 -21.52 -2.94 10.42
C VAL A 131 -22.07 -3.01 11.83
N PRO A 132 -23.03 -2.14 12.16
CA PRO A 132 -23.67 -2.04 13.47
C PRO A 132 -23.63 -3.30 14.36
N ARG A 133 -23.18 -3.11 15.61
CA ARG A 133 -23.08 -4.20 16.57
C ARG A 133 -24.42 -4.82 16.97
N ASP A 134 -25.51 -4.26 16.45
CA ASP A 134 -26.83 -4.78 16.76
C ASP A 134 -27.60 -5.10 15.50
N CYS A 135 -26.88 -5.39 14.42
CA CYS A 135 -27.55 -5.71 13.18
C CYS A 135 -27.88 -7.17 13.18
N PRO A 136 -28.96 -7.54 12.48
CA PRO A 136 -29.39 -8.93 12.37
C PRO A 136 -28.18 -9.81 12.03
N THR A 137 -27.77 -9.78 10.75
CA THR A 137 -26.63 -10.56 10.29
C THR A 137 -25.32 -9.86 10.61
N PRO A 138 -24.20 -10.61 10.52
CA PRO A 138 -22.82 -10.14 10.79
C PRO A 138 -22.43 -8.96 9.90
N MET A 139 -22.88 -9.03 8.65
CA MET A 139 -22.63 -8.00 7.65
C MET A 139 -23.80 -7.02 7.55
N GLY A 140 -24.78 -7.17 8.45
CA GLY A 140 -25.90 -6.25 8.45
C GLY A 140 -27.30 -6.74 8.13
N THR A 141 -27.52 -7.31 6.95
CA THR A 141 -28.86 -7.73 6.58
C THR A 141 -28.95 -9.12 5.95
N LYS A 142 -28.00 -9.42 5.07
CA LYS A 142 -28.02 -10.70 4.39
C LYS A 142 -26.82 -11.61 4.66
N GLY A 143 -27.07 -12.91 4.60
CA GLY A 143 -26.05 -13.88 4.87
C GLY A 143 -26.57 -14.81 5.96
N LYS A 144 -25.71 -15.71 6.42
CA LYS A 144 -26.06 -16.65 7.49
C LYS A 144 -25.61 -16.01 8.80
N LYS A 145 -26.30 -16.33 9.88
CA LYS A 145 -25.93 -15.75 11.17
C LYS A 145 -24.49 -16.07 11.55
N GLN A 146 -23.80 -16.83 10.68
CA GLN A 146 -22.39 -17.20 10.89
C GLN A 146 -21.58 -17.16 9.59
N LEU A 147 -20.51 -16.37 9.59
CA LEU A 147 -19.65 -16.25 8.40
C LEU A 147 -18.76 -17.48 8.26
N PRO A 148 -18.39 -17.84 7.02
CA PRO A 148 -17.55 -19.00 6.76
C PRO A 148 -16.30 -19.13 7.65
N ASP A 149 -16.10 -20.30 8.26
CA ASP A 149 -14.93 -20.53 9.11
C ASP A 149 -13.70 -20.10 8.32
N ALA A 150 -13.16 -18.94 8.68
CA ALA A 150 -11.99 -18.37 8.01
C ALA A 150 -10.89 -19.37 7.65
N GLU A 151 -10.51 -20.23 8.59
CA GLU A 151 -9.46 -21.21 8.32
C GLU A 151 -9.83 -22.02 7.08
N PHE A 152 -11.09 -22.45 7.02
CA PHE A 152 -11.59 -23.22 5.88
C PHE A 152 -11.51 -22.34 4.63
N LEU A 153 -12.34 -21.30 4.63
CA LEU A 153 -12.44 -20.32 3.55
C LEU A 153 -11.05 -20.02 2.96
N SER A 154 -10.01 -20.10 3.78
CA SER A 154 -8.64 -19.83 3.33
C SER A 154 -8.07 -20.96 2.51
N ARG A 155 -7.76 -22.07 3.17
CA ARG A 155 -7.18 -23.23 2.50
C ARG A 155 -8.00 -23.61 1.29
N ARG A 156 -9.32 -23.45 1.40
CA ARG A 156 -10.25 -23.78 0.32
C ARG A 156 -10.07 -22.95 -0.95
N PHE A 157 -9.93 -21.63 -0.80
CA PHE A 157 -9.80 -20.74 -1.94
C PHE A 157 -8.55 -19.91 -2.07
N LEU A 158 -7.90 -19.62 -0.95
CA LEU A 158 -6.69 -18.80 -1.01
C LEU A 158 -5.40 -19.57 -0.94
N LEU A 159 -5.45 -20.85 -0.58
CA LEU A 159 -4.23 -21.63 -0.49
C LEU A 159 -3.70 -22.03 -1.86
N ARG A 160 -2.45 -21.68 -2.10
CA ARG A 160 -1.82 -22.00 -3.36
C ARG A 160 -1.75 -23.49 -3.58
N ARG A 161 -1.88 -23.91 -4.83
CA ARG A 161 -1.77 -25.33 -5.17
C ARG A 161 -0.58 -25.42 -6.12
N LYS A 162 -0.75 -24.91 -7.33
CA LYS A 162 0.35 -24.89 -8.28
C LYS A 162 0.72 -23.41 -8.31
N PHE A 163 2.02 -23.10 -8.30
CA PHE A 163 2.48 -21.72 -8.30
C PHE A 163 2.05 -20.97 -9.55
N ILE A 164 1.10 -20.05 -9.41
CA ILE A 164 0.63 -19.26 -10.52
C ILE A 164 1.37 -17.92 -10.51
N PRO A 165 2.38 -17.79 -11.38
CA PRO A 165 3.16 -16.55 -11.45
C PRO A 165 2.41 -15.38 -12.07
N ASP A 166 2.87 -14.17 -11.77
CA ASP A 166 2.26 -12.98 -12.30
C ASP A 166 2.48 -12.82 -13.80
N PRO A 167 1.41 -12.90 -14.59
CA PRO A 167 1.59 -12.76 -16.04
C PRO A 167 2.22 -11.42 -16.40
N GLN A 168 2.03 -10.40 -15.56
CA GLN A 168 2.58 -9.06 -15.84
C GLN A 168 4.09 -8.96 -15.69
N GLY A 169 4.75 -10.08 -15.43
CA GLY A 169 6.20 -10.06 -15.32
C GLY A 169 6.83 -9.58 -14.02
N THR A 170 6.01 -9.25 -13.03
CA THR A 170 6.51 -8.78 -11.73
C THR A 170 7.62 -9.71 -11.20
N ASN A 171 8.57 -9.16 -10.46
CA ASN A 171 9.63 -9.98 -9.92
C ASN A 171 9.74 -9.81 -8.41
N LEU A 172 10.47 -10.71 -7.77
CA LEU A 172 10.64 -10.64 -6.33
C LEU A 172 11.37 -9.38 -5.90
N MET A 173 12.26 -8.87 -6.74
CA MET A 173 12.96 -7.65 -6.39
C MET A 173 11.90 -6.60 -6.07
N PHE A 174 10.74 -6.73 -6.70
CA PHE A 174 9.61 -5.83 -6.49
C PHE A 174 8.88 -6.31 -5.24
N ALA A 175 8.62 -7.61 -5.21
CA ALA A 175 7.94 -8.24 -4.09
C ALA A 175 8.33 -7.65 -2.74
N PHE A 176 9.62 -7.70 -2.41
CA PHE A 176 10.06 -7.19 -1.15
C PHE A 176 9.83 -5.70 -1.02
N PHE A 177 10.41 -4.91 -1.93
CA PHE A 177 10.22 -3.46 -1.90
C PHE A 177 8.82 -3.14 -1.42
N ALA A 178 7.84 -3.73 -2.08
CA ALA A 178 6.45 -3.54 -1.70
C ALA A 178 6.40 -3.67 -0.20
N GLN A 179 6.68 -4.87 0.28
CA GLN A 179 6.67 -5.15 1.72
C GLN A 179 7.41 -4.10 2.53
N HIS A 180 8.70 -3.95 2.25
CA HIS A 180 9.49 -2.96 2.96
C HIS A 180 8.66 -1.69 2.96
N PHE A 181 8.63 -1.00 1.83
CA PHE A 181 7.88 0.22 1.69
C PHE A 181 6.53 0.22 2.44
N THR A 182 5.64 -0.70 2.11
CA THR A 182 4.35 -0.71 2.75
C THR A 182 4.39 -0.79 4.25
N HIS A 183 5.53 -1.15 4.81
CA HIS A 183 5.61 -1.28 6.27
C HIS A 183 5.93 -0.01 7.03
N GLN A 184 6.05 1.14 6.35
CA GLN A 184 6.34 2.37 7.06
C GLN A 184 5.05 3.03 7.54
N PHE A 185 3.91 2.52 7.06
CA PHE A 185 2.62 3.07 7.50
C PHE A 185 1.65 2.04 8.08
N PHE A 186 1.85 0.77 7.76
CA PHE A 186 1.01 -0.31 8.30
C PHE A 186 1.75 -0.99 9.47
N LYS A 187 1.56 -0.49 10.69
CA LYS A 187 2.19 -1.08 11.87
C LYS A 187 1.12 -1.27 12.93
N THR A 188 0.50 -2.43 12.97
CA THR A 188 -0.56 -2.61 13.94
C THR A 188 -0.03 -2.91 15.35
N SER A 189 -0.69 -2.29 16.33
CA SER A 189 -0.34 -2.44 17.74
C SER A 189 -0.94 -3.70 18.36
N GLY A 190 -0.10 -4.70 18.60
CA GLY A 190 -0.60 -5.91 19.23
C GLY A 190 -1.25 -5.49 20.55
N LYS A 191 -0.52 -4.63 21.26
CA LYS A 191 -0.96 -4.08 22.55
C LYS A 191 -2.33 -3.39 22.52
N MET A 192 -2.48 -2.37 21.68
CA MET A 192 -3.76 -1.65 21.55
C MET A 192 -4.76 -2.47 20.74
N GLY A 193 -4.23 -3.43 19.99
CA GLY A 193 -5.09 -4.29 19.19
C GLY A 193 -5.35 -3.87 17.77
N PRO A 194 -6.21 -4.61 17.05
CA PRO A 194 -6.54 -4.28 15.67
C PRO A 194 -7.24 -2.94 15.70
N GLY A 195 -7.08 -2.17 14.62
CA GLY A 195 -7.73 -0.89 14.54
C GLY A 195 -6.90 0.28 15.03
N PHE A 196 -5.68 -0.01 15.46
CA PHE A 196 -4.75 1.03 15.93
C PHE A 196 -3.44 0.87 15.19
N THR A 197 -2.58 1.89 15.25
CA THR A 197 -1.31 1.84 14.55
C THR A 197 -0.19 2.55 15.27
N LYS A 198 0.99 1.94 15.26
CA LYS A 198 2.15 2.56 15.91
C LYS A 198 2.63 3.65 14.98
N ALA A 199 2.90 3.25 13.74
CA ALA A 199 3.41 4.13 12.66
C ALA A 199 2.60 5.38 12.50
N LEU A 200 2.78 6.32 13.43
CA LEU A 200 2.09 7.59 13.40
C LEU A 200 2.73 8.26 12.19
N GLY A 201 2.13 9.33 11.68
CA GLY A 201 2.75 9.97 10.54
C GLY A 201 2.04 9.51 9.28
N HIS A 202 1.36 8.38 9.40
CA HIS A 202 0.58 7.82 8.30
C HIS A 202 1.08 8.15 6.89
N GLY A 203 2.00 7.38 6.34
CA GLY A 203 2.42 7.70 4.99
C GLY A 203 3.89 7.58 4.69
N VAL A 204 4.34 8.21 3.62
CA VAL A 204 5.74 8.10 3.24
C VAL A 204 6.67 9.03 4.02
N ASP A 205 7.00 8.64 5.25
CA ASP A 205 7.90 9.43 6.08
C ASP A 205 9.17 8.64 6.35
N LEU A 206 9.26 7.44 5.77
CA LEU A 206 10.42 6.58 5.94
C LEU A 206 10.65 6.18 7.40
N GLY A 207 9.60 6.33 8.20
CA GLY A 207 9.65 5.96 9.60
C GLY A 207 9.74 4.45 9.68
N HIS A 208 10.65 3.91 8.89
CA HIS A 208 10.90 2.48 8.82
C HIS A 208 12.36 2.42 8.41
N ILE A 209 13.00 3.57 8.53
CA ILE A 209 14.40 3.74 8.23
C ILE A 209 14.89 4.54 9.42
N TYR A 210 14.28 5.71 9.59
CA TYR A 210 14.62 6.60 10.68
C TYR A 210 13.75 6.28 11.88
N GLY A 211 13.21 5.07 11.92
CA GLY A 211 12.38 4.70 13.04
C GLY A 211 11.16 5.55 13.16
N ASP A 212 10.27 5.18 14.08
CA ASP A 212 9.01 5.87 14.29
C ASP A 212 8.84 6.58 15.64
N ASN A 213 9.92 7.08 16.20
CA ASN A 213 9.87 7.82 17.49
C ASN A 213 11.20 8.54 17.59
N LEU A 214 11.23 9.68 18.26
CA LEU A 214 12.50 10.45 18.31
C LEU A 214 13.67 9.74 18.96
N GLU A 215 13.44 9.08 20.10
CA GLU A 215 14.52 8.37 20.77
C GLU A 215 15.17 7.42 19.77
N ARG A 216 14.39 6.44 19.33
CA ARG A 216 14.86 5.42 18.40
C ARG A 216 15.74 5.97 17.28
N GLN A 217 15.35 7.10 16.72
CA GLN A 217 16.11 7.72 15.64
C GLN A 217 17.51 8.07 16.12
N TYR A 218 17.57 8.72 17.27
CA TYR A 218 18.83 9.13 17.89
C TYR A 218 19.74 7.93 18.19
N GLN A 219 19.15 6.84 18.65
CA GLN A 219 19.90 5.64 18.95
C GLN A 219 20.42 5.12 17.63
N LEU A 220 19.81 5.60 16.55
CA LEU A 220 20.17 5.18 15.21
C LEU A 220 21.05 6.16 14.47
N ARG A 221 21.02 7.40 14.91
CA ARG A 221 21.81 8.42 14.26
C ARG A 221 23.24 8.52 14.76
N LEU A 222 24.16 8.59 13.81
CA LEU A 222 25.60 8.69 14.03
C LEU A 222 26.00 10.11 14.37
N PHE A 223 25.00 10.95 14.57
CA PHE A 223 25.17 12.35 14.88
C PHE A 223 26.43 13.01 14.43
N LYS A 224 26.83 12.77 13.19
CA LYS A 224 28.02 13.40 12.61
C LYS A 224 27.83 13.44 11.09
N ASP A 225 28.04 14.62 10.48
CA ASP A 225 27.85 14.77 9.05
C ASP A 225 26.44 14.36 8.65
N GLY A 226 25.55 14.31 9.65
CA GLY A 226 24.16 13.97 9.44
C GLY A 226 23.90 12.58 8.91
N LYS A 227 24.95 11.75 8.88
CA LYS A 227 24.83 10.38 8.37
C LYS A 227 24.10 9.43 9.31
N LEU A 228 24.14 8.15 8.95
CA LEU A 228 23.50 7.15 9.75
C LEU A 228 24.56 6.14 10.19
N LYS A 229 24.40 5.60 11.40
CA LYS A 229 25.36 4.63 11.94
C LYS A 229 25.46 3.47 10.97
N TYR A 230 26.55 2.73 11.02
CA TYR A 230 26.70 1.64 10.09
C TYR A 230 27.99 0.88 10.36
N GLN A 231 28.21 -0.20 9.63
CA GLN A 231 29.40 -1.01 9.83
C GLN A 231 29.89 -1.71 8.56
N MET A 232 31.20 -1.76 8.39
CA MET A 232 31.82 -2.39 7.23
C MET A 232 32.05 -3.87 7.47
N LEU A 233 31.60 -4.69 6.52
CA LEU A 233 31.79 -6.14 6.59
C LEU A 233 32.14 -6.56 5.18
N ASN A 234 33.40 -6.97 4.98
CA ASN A 234 33.90 -7.37 3.67
C ASN A 234 34.31 -6.11 2.93
N GLY A 235 34.18 -4.99 3.62
CA GLY A 235 34.51 -3.71 3.03
C GLY A 235 33.26 -2.98 2.57
N GLU A 236 32.12 -3.67 2.66
CA GLU A 236 30.86 -3.10 2.24
C GLU A 236 30.08 -2.53 3.42
N VAL A 237 29.35 -1.43 3.20
CA VAL A 237 28.57 -0.79 4.25
C VAL A 237 27.28 -1.54 4.58
N TYR A 238 26.97 -1.64 5.86
CA TYR A 238 25.76 -2.33 6.31
C TYR A 238 25.20 -1.68 7.56
N PRO A 239 23.92 -1.90 7.85
CA PRO A 239 23.34 -1.29 9.05
C PRO A 239 24.15 -1.65 10.29
N PRO A 240 24.15 -0.77 11.30
CA PRO A 240 24.89 -1.06 12.52
C PRO A 240 24.11 -2.05 13.40
N SER A 241 24.86 -2.86 14.14
CA SER A 241 24.31 -3.86 15.07
C SER A 241 23.84 -3.17 16.32
N VAL A 242 23.04 -3.85 17.12
CA VAL A 242 22.53 -3.25 18.36
C VAL A 242 23.68 -2.79 19.28
N GLU A 243 24.83 -3.48 19.19
CA GLU A 243 26.01 -3.13 19.99
C GLU A 243 26.66 -1.84 19.46
N GLU A 244 25.87 -0.77 19.44
CA GLU A 244 26.24 0.59 19.00
C GLU A 244 24.90 1.27 18.69
N ALA A 245 23.96 0.47 18.20
CA ALA A 245 22.63 0.93 17.89
C ALA A 245 21.74 0.24 18.92
N PRO A 246 21.83 0.71 20.17
CA PRO A 246 21.08 0.20 21.31
C PRO A 246 19.59 0.23 21.13
N VAL A 247 19.09 -0.24 19.99
CA VAL A 247 17.67 -0.17 19.82
C VAL A 247 16.93 -1.48 19.61
N LEU A 248 15.78 -1.55 20.24
CA LEU A 248 14.90 -2.72 20.18
C LEU A 248 14.82 -3.30 18.77
N MET A 249 14.70 -4.62 18.68
CA MET A 249 14.56 -5.33 17.40
C MET A 249 13.67 -6.57 17.58
N HIS A 250 13.87 -7.59 16.77
CA HIS A 250 13.05 -8.80 16.89
C HIS A 250 13.82 -10.03 16.44
N TYR A 251 15.13 -9.89 16.35
CA TYR A 251 15.97 -11.00 15.98
C TYR A 251 15.75 -12.14 16.98
N PRO A 252 15.76 -13.40 16.51
CA PRO A 252 15.56 -14.55 17.40
C PRO A 252 16.66 -14.76 18.46
N ARG A 253 16.24 -15.25 19.61
CA ARG A 253 17.09 -15.53 20.78
C ARG A 253 18.31 -16.37 20.40
N GLY A 254 19.33 -15.72 19.85
CA GLY A 254 20.51 -16.46 19.43
C GLY A 254 21.79 -15.68 19.49
N ILE A 255 22.03 -14.77 18.54
CA ILE A 255 23.25 -13.96 18.58
C ILE A 255 22.93 -12.48 18.57
N PRO A 256 22.06 -12.01 19.50
CA PRO A 256 21.72 -10.57 19.55
C PRO A 256 22.88 -9.56 19.38
N PRO A 257 24.16 -10.02 19.43
CA PRO A 257 25.32 -9.14 19.27
C PRO A 257 25.69 -8.82 17.82
N GLN A 258 26.63 -9.59 17.27
CA GLN A 258 27.04 -9.37 15.89
C GLN A 258 25.95 -9.96 14.98
N SER A 259 25.92 -9.48 13.73
CA SER A 259 24.94 -9.94 12.77
C SER A 259 23.52 -9.48 13.14
N GLN A 260 23.38 -8.83 14.29
CA GLN A 260 22.09 -8.35 14.76
C GLN A 260 22.01 -6.85 14.47
N MET A 261 21.52 -6.54 13.26
CA MET A 261 21.41 -5.17 12.77
C MET A 261 20.15 -4.37 13.12
N ALA A 262 20.36 -3.09 13.43
CA ALA A 262 19.28 -2.16 13.78
C ALA A 262 18.97 -1.33 12.52
N VAL A 263 17.70 -1.11 12.25
CA VAL A 263 17.32 -0.41 11.04
C VAL A 263 16.35 0.75 11.16
N GLY A 264 15.22 0.53 11.82
CA GLY A 264 14.23 1.59 11.97
C GLY A 264 12.89 0.90 12.00
N GLN A 265 12.84 -0.23 11.31
CA GLN A 265 11.64 -1.02 11.27
C GLN A 265 11.93 -2.31 12.03
N GLU A 266 11.46 -2.34 13.27
CA GLU A 266 11.64 -3.45 14.17
C GLU A 266 11.83 -4.85 13.56
N VAL A 267 10.86 -5.27 12.78
CA VAL A 267 10.87 -6.60 12.21
C VAL A 267 11.70 -6.84 10.95
N PHE A 268 12.45 -5.84 10.51
CA PHE A 268 13.27 -5.98 9.30
C PHE A 268 14.50 -6.89 9.33
N GLY A 269 14.57 -7.82 10.29
CA GLY A 269 15.70 -8.72 10.33
C GLY A 269 15.24 -10.11 9.96
N LEU A 270 13.94 -10.30 10.12
CA LEU A 270 13.32 -11.58 9.84
C LEU A 270 13.31 -12.05 8.40
N LEU A 271 13.82 -11.25 7.48
CA LEU A 271 13.86 -11.64 6.07
C LEU A 271 14.97 -10.85 5.36
N PRO A 272 15.87 -11.54 4.66
CA PRO A 272 16.95 -10.85 3.96
C PRO A 272 16.44 -9.69 3.12
N GLY A 273 15.27 -9.89 2.51
CA GLY A 273 14.68 -8.87 1.65
C GLY A 273 14.50 -7.52 2.30
N LEU A 274 13.79 -7.49 3.42
CA LEU A 274 13.57 -6.23 4.09
C LEU A 274 14.90 -5.65 4.53
N MET A 275 15.71 -6.44 5.22
CA MET A 275 17.02 -5.97 5.67
C MET A 275 17.81 -5.41 4.48
N LEU A 276 17.73 -6.13 3.36
CA LEU A 276 18.41 -5.74 2.12
C LEU A 276 18.08 -4.29 1.83
N TYR A 277 16.85 -4.06 1.39
CA TYR A 277 16.38 -2.72 1.10
C TYR A 277 16.81 -1.76 2.20
N ALA A 278 16.55 -2.14 3.45
CA ALA A 278 16.90 -1.35 4.63
C ALA A 278 18.33 -0.84 4.54
N THR A 279 19.17 -1.66 3.90
CA THR A 279 20.58 -1.36 3.69
C THR A 279 20.72 -0.33 2.59
N ILE A 280 20.21 -0.69 1.43
CA ILE A 280 20.24 0.15 0.24
C ILE A 280 19.86 1.58 0.56
N TRP A 281 18.78 1.74 1.31
CA TRP A 281 18.33 3.06 1.66
C TRP A 281 19.36 3.77 2.53
N LEU A 282 19.70 3.17 3.66
CA LEU A 282 20.69 3.74 4.56
C LEU A 282 21.94 4.10 3.79
N ARG A 283 22.43 3.15 3.01
CA ARG A 283 23.62 3.37 2.23
C ARG A 283 23.42 4.55 1.29
N GLU A 284 22.16 4.87 1.02
CA GLU A 284 21.79 5.98 0.14
C GLU A 284 21.83 7.26 0.93
N HIS A 285 20.99 7.33 1.97
CA HIS A 285 20.91 8.49 2.82
C HIS A 285 22.31 9.04 3.05
N ASN A 286 23.15 8.25 3.70
CA ASN A 286 24.51 8.64 3.95
C ASN A 286 25.10 9.18 2.67
N ARG A 287 24.88 8.47 1.58
CA ARG A 287 25.39 8.90 0.27
C ARG A 287 24.89 10.31 -0.01
N VAL A 288 23.59 10.54 0.21
CA VAL A 288 23.00 11.86 0.00
C VAL A 288 23.83 12.87 0.79
N CYS A 289 23.93 12.65 2.09
CA CYS A 289 24.69 13.50 2.99
C CYS A 289 26.04 13.92 2.44
N ASP A 290 26.80 12.92 1.99
CA ASP A 290 28.11 13.19 1.43
C ASP A 290 27.95 14.30 0.41
N LEU A 291 26.94 14.18 -0.45
CA LEU A 291 26.66 15.18 -1.48
C LEU A 291 26.35 16.58 -0.93
N LEU A 292 25.33 16.69 -0.09
CA LEU A 292 24.96 17.98 0.49
C LEU A 292 26.12 18.70 1.17
N LYS A 293 26.72 18.05 2.18
CA LYS A 293 27.83 18.63 2.95
C LYS A 293 28.84 19.35 2.07
N ALA A 294 29.01 18.86 0.85
CA ALA A 294 29.94 19.46 -0.08
C ALA A 294 29.44 20.85 -0.44
N GLU A 295 28.14 20.92 -0.68
CA GLU A 295 27.45 22.14 -1.07
C GLU A 295 27.30 23.08 0.11
N HIS A 296 27.15 22.52 1.30
CA HIS A 296 26.96 23.36 2.47
C HIS A 296 27.84 23.02 3.67
N PRO A 297 29.14 23.35 3.58
CA PRO A 297 30.04 23.05 4.70
C PRO A 297 29.56 23.73 5.98
N THR A 298 29.12 24.97 5.85
CA THR A 298 28.66 25.71 7.03
C THR A 298 27.45 25.07 7.65
N TRP A 299 27.13 23.84 7.26
CA TRP A 299 25.96 23.18 7.79
C TRP A 299 26.15 22.30 9.03
N GLY A 300 25.14 22.33 9.91
CA GLY A 300 25.20 21.53 11.13
C GLY A 300 24.97 20.06 10.85
N ASP A 301 24.53 19.34 11.86
CA ASP A 301 24.25 17.92 11.73
C ASP A 301 22.77 17.75 11.44
N GLU A 302 21.94 18.17 12.40
CA GLU A 302 20.48 18.12 12.28
C GLU A 302 20.03 18.43 10.85
N GLN A 303 20.52 19.54 10.30
CA GLN A 303 20.15 19.91 8.95
C GLN A 303 20.54 18.74 8.05
N LEU A 304 21.83 18.60 7.77
CA LEU A 304 22.30 17.50 6.94
C LEU A 304 21.39 16.29 7.06
N PHE A 305 20.99 15.96 8.27
CA PHE A 305 20.11 14.84 8.46
C PHE A 305 18.73 15.12 7.84
N GLN A 306 17.95 16.00 8.45
CA GLN A 306 16.60 16.31 7.94
C GLN A 306 16.51 16.55 6.43
N THR A 307 17.41 17.37 5.90
CA THR A 307 17.41 17.66 4.48
C THR A 307 17.58 16.36 3.72
N ALA A 308 18.50 15.52 4.17
CA ALA A 308 18.72 14.25 3.49
C ALA A 308 17.48 13.39 3.61
N ARG A 309 16.81 13.48 4.76
CA ARG A 309 15.63 12.69 4.97
C ARG A 309 14.64 12.94 3.84
N LEU A 310 14.24 14.20 3.72
CA LEU A 310 13.29 14.61 2.70
C LEU A 310 13.66 14.06 1.32
N ILE A 311 14.92 14.23 0.92
CA ILE A 311 15.40 13.75 -0.37
C ILE A 311 15.08 12.27 -0.57
N LEU A 312 14.89 11.54 0.52
CA LEU A 312 14.56 10.13 0.43
C LEU A 312 13.04 10.00 0.34
N ILE A 313 12.35 10.90 1.01
CA ILE A 313 10.90 10.89 0.96
C ILE A 313 10.58 11.28 -0.46
N GLY A 314 11.45 12.08 -1.04
CA GLY A 314 11.23 12.46 -2.42
C GLY A 314 11.47 11.21 -3.22
N GLU A 315 12.73 10.94 -3.53
CA GLU A 315 13.09 9.77 -4.30
C GLU A 315 12.09 8.65 -4.16
N THR A 316 11.72 8.32 -2.94
CA THR A 316 10.76 7.26 -2.70
C THR A 316 9.46 7.53 -3.45
N ILE A 317 8.80 8.63 -3.12
CA ILE A 317 7.54 8.96 -3.76
C ILE A 317 7.63 8.97 -5.28
N LYS A 318 8.80 9.27 -5.84
CA LYS A 318 8.91 9.26 -7.27
C LYS A 318 8.96 7.83 -7.74
N ILE A 319 9.95 7.09 -7.29
CA ILE A 319 10.08 5.71 -7.69
C ILE A 319 8.82 4.88 -7.50
N VAL A 320 8.14 5.07 -6.38
CA VAL A 320 6.93 4.31 -6.17
C VAL A 320 5.97 4.55 -7.33
N ILE A 321 5.76 5.82 -7.67
CA ILE A 321 4.87 6.14 -8.77
C ILE A 321 5.39 5.80 -10.17
N GLU A 322 6.39 6.53 -10.64
CA GLU A 322 6.90 6.27 -11.99
C GLU A 322 7.48 4.88 -12.29
N GLU A 323 7.49 3.98 -11.31
CA GLU A 323 8.01 2.62 -11.53
C GLU A 323 7.21 1.53 -10.81
N TYR A 324 6.99 1.70 -9.52
CA TYR A 324 6.24 0.73 -8.74
C TYR A 324 4.79 0.68 -9.22
N VAL A 325 4.07 1.78 -9.06
CA VAL A 325 2.69 1.82 -9.49
C VAL A 325 2.57 1.53 -10.96
N GLN A 326 3.57 1.96 -11.72
CA GLN A 326 3.58 1.75 -13.16
C GLN A 326 3.43 0.26 -13.43
N GLN A 327 4.54 -0.45 -13.32
CA GLN A 327 4.59 -1.89 -13.53
C GLN A 327 3.30 -2.53 -13.05
N LEU A 328 2.84 -2.07 -11.90
CA LEU A 328 1.63 -2.58 -11.32
C LEU A 328 0.43 -2.36 -12.23
N SER A 329 0.18 -1.09 -12.55
CA SER A 329 -0.95 -0.68 -13.39
C SER A 329 -1.09 -1.43 -14.71
N GLY A 330 -0.03 -1.44 -15.51
CA GLY A 330 -0.06 -2.12 -16.78
C GLY A 330 -0.46 -1.14 -17.86
N TYR A 331 -0.51 0.13 -17.47
CA TYR A 331 -0.87 1.19 -18.39
C TYR A 331 0.20 1.45 -19.45
N PHE A 332 -0.25 1.96 -20.58
CA PHE A 332 0.64 2.33 -21.68
C PHE A 332 0.92 3.80 -21.41
N LEU A 333 0.03 4.41 -20.63
CA LEU A 333 0.17 5.80 -20.24
C LEU A 333 1.37 5.79 -19.31
N GLN A 334 2.23 6.77 -19.47
CA GLN A 334 3.43 6.80 -18.68
C GLN A 334 3.37 7.62 -17.41
N LEU A 335 2.78 7.02 -16.36
CA LEU A 335 2.67 7.70 -15.07
C LEU A 335 3.85 8.62 -14.80
N LYS A 336 3.58 9.70 -14.07
CA LYS A 336 4.61 10.67 -13.75
C LYS A 336 4.35 11.42 -12.47
N PHE A 337 5.42 11.60 -11.69
CA PHE A 337 5.33 12.31 -10.43
C PHE A 337 5.76 13.77 -10.63
N ASP A 338 4.86 14.68 -10.32
CA ASP A 338 5.12 16.10 -10.45
C ASP A 338 4.04 16.84 -9.67
N PRO A 339 4.31 17.11 -8.39
CA PRO A 339 3.38 17.80 -7.50
C PRO A 339 2.72 19.03 -8.13
N GLU A 340 3.40 19.68 -9.05
CA GLU A 340 2.84 20.88 -9.67
C GLU A 340 1.49 20.64 -10.34
N LEU A 341 1.25 19.40 -10.77
CA LEU A 341 0.00 19.04 -11.44
C LEU A 341 -1.25 19.19 -10.59
N LEU A 342 -1.10 19.32 -9.27
CA LEU A 342 -2.27 19.47 -8.41
C LEU A 342 -2.28 20.85 -7.82
N PHE A 343 -1.29 21.66 -8.18
CA PHE A 343 -1.21 23.00 -7.63
C PHE A 343 -2.42 23.86 -7.92
N GLY A 344 -3.17 23.51 -8.95
CA GLY A 344 -4.34 24.31 -9.28
C GLY A 344 -5.64 23.60 -8.90
N ALA A 345 -5.54 22.63 -8.02
CA ALA A 345 -6.70 21.88 -7.57
C ALA A 345 -7.02 22.20 -6.12
N GLN A 346 -8.05 21.54 -5.60
CA GLN A 346 -8.43 21.71 -4.22
C GLN A 346 -8.04 20.41 -3.56
N PHE A 347 -6.77 20.33 -3.16
CA PHE A 347 -6.22 19.13 -2.57
C PHE A 347 -5.78 19.39 -1.13
N GLN A 348 -5.96 18.38 -0.27
CA GLN A 348 -5.58 18.50 1.11
C GLN A 348 -4.32 17.71 1.38
N TYR A 349 -3.21 18.40 1.58
CA TYR A 349 -1.94 17.74 1.84
C TYR A 349 -1.94 17.09 3.23
N ARG A 350 -2.61 15.95 3.37
CA ARG A 350 -2.69 15.23 4.64
C ARG A 350 -3.36 13.88 4.50
N ASN A 351 -2.64 12.82 4.82
CA ASN A 351 -3.20 11.49 4.73
C ASN A 351 -3.39 10.88 6.11
N ARG A 352 -4.14 9.79 6.15
CA ARG A 352 -4.42 9.05 7.37
C ARG A 352 -4.77 7.67 6.89
N ILE A 353 -3.88 6.72 7.17
CA ILE A 353 -4.06 5.34 6.75
C ILE A 353 -5.39 4.74 7.15
N ALA A 354 -6.02 4.09 6.18
CA ALA A 354 -7.29 3.45 6.40
C ALA A 354 -7.14 1.96 6.61
N MET A 355 -7.97 1.38 7.47
CA MET A 355 -7.90 -0.04 7.72
C MET A 355 -8.24 -0.82 6.47
N GLU A 356 -9.18 -0.31 5.68
CA GLU A 356 -9.53 -1.01 4.45
C GLU A 356 -8.33 -1.04 3.53
N PHE A 357 -7.57 0.06 3.52
CA PHE A 357 -6.39 0.13 2.66
C PHE A 357 -5.46 -0.99 3.08
N ASN A 358 -5.23 -1.09 4.37
CA ASN A 358 -4.37 -2.13 4.95
C ASN A 358 -4.85 -3.51 4.46
N GLN A 359 -6.06 -3.90 4.80
CA GLN A 359 -6.57 -5.19 4.38
C GLN A 359 -6.21 -5.48 2.93
N LEU A 360 -6.54 -4.53 2.07
CA LEU A 360 -6.32 -4.61 0.62
C LEU A 360 -4.89 -4.89 0.18
N TYR A 361 -3.94 -4.29 0.89
CA TYR A 361 -2.54 -4.43 0.54
C TYR A 361 -1.94 -5.79 0.84
N HIS A 362 -2.66 -6.65 1.53
CA HIS A 362 -2.10 -7.95 1.85
C HIS A 362 -1.87 -8.80 0.62
N TRP A 363 -0.80 -8.48 -0.10
CA TRP A 363 -0.46 -9.20 -1.30
C TRP A 363 0.52 -10.32 -1.03
N HIS A 364 0.25 -11.11 0.01
CA HIS A 364 1.14 -12.20 0.35
C HIS A 364 1.37 -13.19 -0.78
N PRO A 365 0.35 -13.41 -1.62
CA PRO A 365 0.53 -14.36 -2.73
C PRO A 365 1.68 -13.96 -3.64
N LEU A 366 2.22 -12.77 -3.44
CA LEU A 366 3.34 -12.30 -4.24
C LEU A 366 4.50 -13.27 -4.05
N MET A 367 4.68 -13.71 -2.81
CA MET A 367 5.75 -14.61 -2.46
C MET A 367 5.79 -15.88 -3.30
N PRO A 368 7.00 -16.40 -3.52
CA PRO A 368 7.25 -17.61 -4.30
C PRO A 368 7.05 -18.89 -3.53
N ASP A 369 7.63 -19.96 -4.06
CA ASP A 369 7.58 -21.28 -3.44
C ASP A 369 8.89 -21.40 -2.65
N SER A 370 9.99 -21.11 -3.34
CA SER A 370 11.33 -21.15 -2.76
C SER A 370 12.02 -19.83 -3.10
N PHE A 371 13.32 -19.72 -2.85
CA PHE A 371 14.01 -18.47 -3.15
C PHE A 371 15.31 -18.65 -3.93
N ARG A 372 15.16 -18.75 -5.24
CA ARG A 372 16.30 -18.96 -6.14
C ARG A 372 17.38 -17.89 -6.06
N VAL A 373 18.64 -18.34 -6.03
CA VAL A 373 19.81 -17.45 -5.97
C VAL A 373 20.99 -18.14 -6.69
N GLY A 374 21.23 -17.78 -7.95
CA GLY A 374 22.31 -18.40 -8.71
C GLY A 374 22.00 -19.88 -8.88
N PRO A 375 22.62 -20.73 -8.06
CA PRO A 375 22.35 -22.17 -8.16
C PRO A 375 21.58 -22.65 -6.91
N GLN A 376 21.71 -21.91 -5.81
CA GLN A 376 21.03 -22.26 -4.57
C GLN A 376 19.50 -22.14 -4.73
N ASP A 377 18.75 -22.48 -3.70
CA ASP A 377 17.30 -22.38 -3.80
C ASP A 377 16.64 -22.37 -2.42
N TYR A 378 17.24 -21.63 -1.49
CA TYR A 378 16.77 -21.51 -0.12
C TYR A 378 15.27 -21.66 0.10
N SER A 379 14.90 -22.62 0.94
CA SER A 379 13.51 -22.85 1.29
C SER A 379 13.21 -21.89 2.40
N TYR A 380 11.94 -21.68 2.66
CA TYR A 380 11.54 -20.76 3.73
C TYR A 380 12.41 -20.93 4.97
N GLU A 381 12.46 -22.17 5.49
CA GLU A 381 13.22 -22.49 6.67
C GLU A 381 14.63 -21.89 6.62
N GLN A 382 15.27 -21.98 5.45
CA GLN A 382 16.62 -21.43 5.25
C GLN A 382 16.59 -19.92 5.06
N PHE A 383 15.41 -19.43 4.66
CA PHE A 383 15.22 -18.02 4.38
C PHE A 383 14.77 -17.28 5.60
N LEU A 384 13.58 -17.61 6.04
CA LEU A 384 13.00 -17.00 7.23
C LEU A 384 14.02 -16.89 8.36
N PHE A 385 14.16 -15.68 8.88
CA PHE A 385 15.09 -15.45 9.96
C PHE A 385 16.52 -15.75 9.62
N ASN A 386 16.82 -16.19 8.40
CA ASN A 386 18.22 -16.44 8.10
C ASN A 386 18.90 -15.17 8.54
N THR A 387 20.20 -15.22 8.84
CA THR A 387 20.88 -14.01 9.30
C THR A 387 22.28 -13.78 8.79
N SER A 388 22.63 -14.38 7.66
CA SER A 388 23.96 -14.18 7.11
C SER A 388 23.85 -14.06 5.59
N MET A 389 22.77 -14.64 5.07
CA MET A 389 22.50 -14.64 3.64
C MET A 389 22.86 -13.30 3.03
N LEU A 390 22.38 -12.22 3.67
CA LEU A 390 22.62 -10.87 3.19
C LEU A 390 24.08 -10.51 3.03
N VAL A 391 24.87 -10.76 4.07
CA VAL A 391 26.29 -10.44 4.02
C VAL A 391 27.06 -11.49 3.25
N ASP A 392 26.54 -12.70 3.24
CA ASP A 392 27.23 -13.76 2.54
C ASP A 392 27.24 -13.46 1.04
N TYR A 393 26.05 -13.31 0.48
CA TYR A 393 25.90 -13.03 -0.95
C TYR A 393 26.25 -11.61 -1.41
N GLY A 394 25.76 -10.61 -0.70
CA GLY A 394 26.03 -9.23 -1.09
C GLY A 394 24.82 -8.62 -1.77
N VAL A 395 24.61 -7.32 -1.55
CA VAL A 395 23.47 -6.62 -2.15
C VAL A 395 23.44 -6.85 -3.67
N GLU A 396 24.48 -6.39 -4.36
CA GLU A 396 24.59 -6.56 -5.80
C GLU A 396 23.96 -7.88 -6.19
N ALA A 397 24.68 -8.95 -5.87
CA ALA A 397 24.26 -10.31 -6.16
C ALA A 397 22.82 -10.61 -5.73
N LEU A 398 22.49 -10.31 -4.47
CA LEU A 398 21.14 -10.60 -3.99
C LEU A 398 20.05 -9.91 -4.79
N VAL A 399 20.22 -8.62 -5.04
CA VAL A 399 19.25 -7.87 -5.84
C VAL A 399 19.13 -8.61 -7.17
N ASP A 400 20.26 -8.77 -7.85
CA ASP A 400 20.27 -9.47 -9.12
C ASP A 400 19.44 -10.76 -9.01
N ALA A 401 19.50 -11.41 -7.86
CA ALA A 401 18.78 -12.66 -7.66
C ALA A 401 17.27 -12.52 -7.44
N PHE A 402 16.80 -11.30 -7.18
CA PHE A 402 15.37 -11.11 -6.96
C PHE A 402 14.75 -10.57 -8.22
N SER A 403 15.47 -9.62 -8.82
CA SER A 403 15.01 -9.01 -10.06
C SER A 403 14.87 -10.08 -11.16
N ARG A 404 15.30 -11.30 -10.86
CA ARG A 404 15.23 -12.38 -11.82
C ARG A 404 14.20 -13.44 -11.50
N GLN A 405 13.74 -13.51 -10.26
CA GLN A 405 12.75 -14.53 -9.93
C GLN A 405 11.36 -13.95 -9.96
N PRO A 406 10.48 -14.53 -10.78
CA PRO A 406 9.10 -14.03 -10.87
C PRO A 406 8.37 -14.08 -9.55
N ALA A 407 7.38 -13.20 -9.40
CA ALA A 407 6.54 -13.14 -8.20
C ALA A 407 5.32 -13.96 -8.52
N GLY A 408 4.24 -13.78 -7.79
CA GLY A 408 3.05 -14.58 -8.08
C GLY A 408 1.79 -13.78 -8.32
N ARG A 409 0.90 -14.27 -9.17
CA ARG A 409 -0.35 -13.56 -9.42
C ARG A 409 -0.96 -13.28 -8.05
N ILE A 410 -1.37 -12.04 -7.82
CA ILE A 410 -1.94 -11.67 -6.54
C ILE A 410 -3.43 -11.97 -6.46
N GLY A 411 -4.03 -12.30 -7.60
CA GLY A 411 -5.45 -12.58 -7.58
C GLY A 411 -5.85 -13.85 -8.29
N GLY A 412 -7.12 -13.95 -8.64
CA GLY A 412 -7.60 -15.14 -9.32
C GLY A 412 -7.99 -16.13 -8.26
N GLY A 413 -7.23 -16.12 -7.16
CA GLY A 413 -7.49 -17.03 -6.06
C GLY A 413 -6.50 -18.19 -5.99
N ARG A 414 -6.43 -18.82 -4.83
CA ARG A 414 -5.55 -19.97 -4.63
C ARG A 414 -4.12 -19.74 -5.03
N ASN A 415 -3.47 -18.74 -4.47
CA ASN A 415 -2.09 -18.53 -4.82
C ASN A 415 -1.22 -18.10 -3.67
N ILE A 416 -1.75 -18.19 -2.45
CA ILE A 416 -0.99 -17.85 -1.25
C ILE A 416 -0.24 -19.11 -0.82
N ASP A 417 1.03 -18.99 -0.44
CA ASP A 417 1.79 -20.16 -0.01
C ASP A 417 1.22 -20.67 1.31
N HIS A 418 1.55 -21.90 1.69
CA HIS A 418 1.05 -22.50 2.94
C HIS A 418 1.75 -21.95 4.20
N HIS A 419 3.05 -21.70 4.08
CA HIS A 419 3.81 -21.19 5.20
C HIS A 419 3.18 -19.90 5.72
N ILE A 420 2.85 -19.00 4.80
CA ILE A 420 2.27 -17.72 5.18
C ILE A 420 0.76 -17.72 5.09
N LEU A 421 0.16 -18.79 4.57
CA LEU A 421 -1.28 -18.81 4.48
C LEU A 421 -1.97 -18.35 5.76
N HIS A 422 -1.27 -18.44 6.90
CA HIS A 422 -1.89 -18.03 8.15
C HIS A 422 -2.28 -16.55 8.23
N VAL A 423 -1.47 -15.70 7.60
CA VAL A 423 -1.75 -14.27 7.62
C VAL A 423 -3.16 -14.01 7.10
N ALA A 424 -3.42 -14.49 5.88
CA ALA A 424 -4.71 -14.34 5.23
C ALA A 424 -5.86 -14.70 6.16
N VAL A 425 -5.72 -15.81 6.87
CA VAL A 425 -6.77 -16.25 7.79
C VAL A 425 -7.01 -15.19 8.86
N ASP A 426 -5.92 -14.62 9.39
CA ASP A 426 -6.03 -13.59 10.40
C ASP A 426 -6.69 -12.31 9.83
N VAL A 427 -6.37 -11.99 8.58
CA VAL A 427 -6.95 -10.82 7.96
C VAL A 427 -8.47 -10.98 7.90
N ILE A 428 -8.92 -12.18 7.55
CA ILE A 428 -10.36 -12.43 7.47
C ILE A 428 -10.92 -12.43 8.89
N LYS A 429 -10.09 -12.82 9.85
CA LYS A 429 -10.53 -12.85 11.25
C LYS A 429 -10.50 -11.44 11.79
N GLU A 430 -9.44 -10.71 11.43
CA GLU A 430 -9.32 -9.34 11.90
C GLU A 430 -10.41 -8.47 11.28
N SER A 431 -10.56 -8.58 9.95
CA SER A 431 -11.59 -7.84 9.25
C SER A 431 -12.85 -7.88 10.08
N ARG A 432 -13.20 -9.09 10.51
CA ARG A 432 -14.39 -9.34 11.31
C ARG A 432 -14.43 -8.61 12.65
N VAL A 433 -13.29 -8.53 13.33
CA VAL A 433 -13.25 -7.85 14.61
C VAL A 433 -13.64 -6.44 14.29
N LEU A 434 -13.03 -5.91 13.23
CA LEU A 434 -13.27 -4.54 12.75
C LEU A 434 -14.70 -4.28 12.28
N ARG A 435 -15.34 -5.28 11.68
CA ARG A 435 -16.70 -5.15 11.19
C ARG A 435 -16.79 -4.32 9.90
N LEU A 436 -16.01 -4.71 8.89
CA LEU A 436 -15.99 -4.03 7.61
C LEU A 436 -17.24 -4.46 6.88
N GLN A 437 -17.92 -3.51 6.24
CA GLN A 437 -19.14 -3.78 5.48
C GLN A 437 -18.80 -4.73 4.35
N PRO A 438 -19.82 -5.33 3.72
CA PRO A 438 -19.61 -6.26 2.61
C PRO A 438 -18.89 -5.70 1.40
N PHE A 439 -18.16 -6.58 0.73
CA PHE A 439 -17.43 -6.25 -0.48
C PHE A 439 -18.29 -5.34 -1.33
N ASN A 440 -19.49 -5.79 -1.69
CA ASN A 440 -20.38 -5.00 -2.52
C ASN A 440 -20.61 -3.59 -1.97
N GLU A 441 -20.78 -3.47 -0.66
CA GLU A 441 -20.99 -2.15 -0.12
C GLU A 441 -19.73 -1.35 -0.35
N TYR A 442 -18.60 -2.05 -0.45
CA TYR A 442 -17.33 -1.38 -0.68
C TYR A 442 -16.99 -1.22 -2.16
N ARG A 443 -17.88 -1.69 -3.02
CA ARG A 443 -17.67 -1.53 -4.46
C ARG A 443 -18.38 -0.22 -4.77
N LYS A 444 -19.62 -0.10 -4.32
CA LYS A 444 -20.38 1.11 -4.52
C LYS A 444 -19.53 2.28 -4.07
N ARG A 445 -19.26 2.35 -2.77
CA ARG A 445 -18.46 3.43 -2.23
C ARG A 445 -17.29 3.80 -3.14
N PHE A 446 -16.72 2.82 -3.83
CA PHE A 446 -15.61 3.13 -4.71
C PHE A 446 -15.97 3.21 -6.19
N GLY A 447 -17.16 3.76 -6.46
CA GLY A 447 -17.61 3.96 -7.84
C GLY A 447 -17.90 2.79 -8.79
N MET A 448 -18.21 1.62 -8.25
CA MET A 448 -18.54 0.48 -9.10
C MET A 448 -19.93 -0.03 -8.84
N LYS A 449 -20.32 -1.03 -9.61
CA LYS A 449 -21.63 -1.63 -9.46
C LYS A 449 -21.46 -2.86 -8.59
N PRO A 450 -22.46 -3.16 -7.76
CA PRO A 450 -22.32 -4.35 -6.91
C PRO A 450 -22.41 -5.59 -7.77
N TYR A 451 -21.65 -6.64 -7.48
CA TYR A 451 -21.77 -7.83 -8.29
C TYR A 451 -23.15 -8.38 -8.02
N THR A 452 -23.71 -9.05 -9.00
CA THR A 452 -25.05 -9.60 -8.88
C THR A 452 -25.04 -11.06 -8.50
N SER A 453 -23.87 -11.68 -8.60
CA SER A 453 -23.74 -13.09 -8.26
C SER A 453 -22.29 -13.58 -8.23
N PHE A 454 -22.03 -14.59 -7.40
CA PHE A 454 -20.69 -15.14 -7.30
C PHE A 454 -20.20 -15.55 -8.68
N GLN A 455 -21.14 -15.94 -9.53
CA GLN A 455 -20.77 -16.34 -10.88
C GLN A 455 -20.13 -15.11 -11.52
N GLU A 456 -20.85 -13.99 -11.48
CA GLU A 456 -20.34 -12.75 -12.06
C GLU A 456 -19.03 -12.35 -11.43
N LEU A 457 -18.93 -12.57 -10.13
CA LEU A 457 -17.71 -12.23 -9.44
C LEU A 457 -16.58 -12.98 -10.08
N THR A 458 -16.45 -14.26 -9.74
CA THR A 458 -15.39 -15.09 -10.28
C THR A 458 -15.58 -15.40 -11.76
N GLY A 459 -14.48 -15.42 -12.50
CA GLY A 459 -14.55 -15.70 -13.92
C GLY A 459 -15.15 -17.06 -14.23
N GLU A 460 -14.93 -18.01 -13.34
CA GLU A 460 -15.42 -19.37 -13.53
C GLU A 460 -16.81 -19.65 -12.91
N LYS A 461 -16.99 -20.87 -12.40
CA LYS A 461 -18.24 -21.31 -11.77
C LYS A 461 -18.05 -22.29 -10.63
N GLU A 462 -16.93 -23.01 -10.63
CA GLU A 462 -16.63 -23.98 -9.55
C GLU A 462 -16.59 -23.24 -8.22
N MET A 463 -15.52 -22.49 -7.95
CA MET A 463 -15.42 -21.72 -6.71
C MET A 463 -16.74 -21.02 -6.45
N ALA A 464 -17.15 -20.25 -7.44
CA ALA A 464 -18.41 -19.49 -7.38
C ALA A 464 -19.52 -20.23 -6.62
N ALA A 465 -19.99 -21.33 -7.19
CA ALA A 465 -21.06 -22.13 -6.60
C ALA A 465 -20.79 -22.38 -5.11
N GLU A 466 -19.62 -22.93 -4.82
CA GLU A 466 -19.25 -23.23 -3.45
C GLU A 466 -19.40 -22.02 -2.52
N LEU A 467 -18.93 -20.87 -2.99
CA LEU A 467 -18.99 -19.65 -2.22
C LEU A 467 -20.42 -19.24 -1.97
N GLU A 468 -21.29 -19.38 -2.96
CA GLU A 468 -22.68 -19.03 -2.75
C GLU A 468 -23.19 -19.92 -1.62
N GLU A 469 -22.89 -21.22 -1.73
CA GLU A 469 -23.30 -22.21 -0.73
C GLU A 469 -22.88 -21.75 0.67
N LEU A 470 -21.72 -21.11 0.77
CA LEU A 470 -21.21 -20.65 2.05
C LEU A 470 -21.78 -19.32 2.55
N TYR A 471 -21.70 -18.29 1.72
CA TYR A 471 -22.19 -16.96 2.10
C TYR A 471 -23.69 -16.78 1.90
N GLY A 472 -24.30 -17.70 1.15
CA GLY A 472 -25.74 -17.64 0.93
C GLY A 472 -26.25 -16.56 0.01
N ASP A 473 -25.62 -15.40 0.09
CA ASP A 473 -25.99 -14.26 -0.73
C ASP A 473 -24.72 -13.47 -1.10
N ILE A 474 -24.60 -13.13 -2.37
CA ILE A 474 -23.45 -12.40 -2.87
C ILE A 474 -23.11 -11.17 -2.02
N ASP A 475 -24.15 -10.43 -1.64
CA ASP A 475 -23.97 -9.23 -0.83
C ASP A 475 -23.24 -9.49 0.47
N ALA A 476 -23.43 -10.67 1.04
CA ALA A 476 -22.76 -11.00 2.29
C ALA A 476 -21.26 -11.06 2.14
N LEU A 477 -20.79 -11.51 0.97
CA LEU A 477 -19.36 -11.63 0.71
C LEU A 477 -18.51 -10.61 1.46
N GLU A 478 -17.35 -11.06 1.95
CA GLU A 478 -16.47 -10.18 2.71
C GLU A 478 -15.55 -9.30 1.86
N PHE A 479 -14.82 -8.41 2.53
CA PHE A 479 -13.92 -7.50 1.85
C PHE A 479 -12.69 -8.21 1.27
N TYR A 480 -11.78 -8.61 2.14
CA TYR A 480 -10.54 -9.27 1.71
C TYR A 480 -10.77 -10.39 0.72
N PRO A 481 -11.58 -11.37 1.09
CA PRO A 481 -11.83 -12.48 0.17
C PRO A 481 -12.28 -11.97 -1.21
N GLY A 482 -13.24 -11.05 -1.21
CA GLY A 482 -13.73 -10.51 -2.46
C GLY A 482 -12.57 -10.15 -3.37
N LEU A 483 -11.76 -9.20 -2.95
CA LEU A 483 -10.63 -8.77 -3.73
C LEU A 483 -9.81 -9.89 -4.33
N LEU A 484 -9.33 -10.79 -3.49
CA LEU A 484 -8.48 -11.89 -3.95
C LEU A 484 -9.16 -12.99 -4.71
N LEU A 485 -10.49 -13.01 -4.66
CA LEU A 485 -11.23 -14.05 -5.36
C LEU A 485 -11.85 -13.50 -6.62
N GLU A 486 -11.77 -12.19 -6.79
CA GLU A 486 -12.32 -11.53 -7.97
C GLU A 486 -11.57 -11.95 -9.22
N LYS A 487 -12.29 -12.08 -10.32
CA LYS A 487 -11.68 -12.46 -11.58
C LYS A 487 -10.69 -11.35 -11.95
N CYS A 488 -9.43 -11.70 -12.20
CA CYS A 488 -8.43 -10.69 -12.57
C CYS A 488 -8.75 -10.14 -13.95
N HIS A 489 -8.06 -9.08 -14.32
CA HIS A 489 -8.24 -8.51 -15.66
C HIS A 489 -7.40 -9.45 -16.55
N PRO A 490 -7.65 -9.45 -17.85
CA PRO A 490 -6.89 -10.33 -18.76
C PRO A 490 -5.37 -10.10 -18.68
N ASN A 491 -4.61 -11.17 -18.41
CA ASN A 491 -3.15 -11.05 -18.34
C ASN A 491 -2.75 -10.10 -17.24
N SER A 492 -3.59 -9.98 -16.22
CA SER A 492 -3.31 -9.08 -15.13
C SER A 492 -2.76 -9.76 -13.89
N ILE A 493 -2.30 -8.92 -12.97
CA ILE A 493 -1.73 -9.38 -11.70
C ILE A 493 -2.90 -9.58 -10.74
N PHE A 494 -3.94 -8.77 -10.91
CA PHE A 494 -5.12 -8.89 -10.07
C PHE A 494 -6.34 -8.25 -10.69
N GLY A 495 -7.50 -8.60 -10.15
CA GLY A 495 -8.76 -8.10 -10.66
C GLY A 495 -8.94 -6.60 -10.80
N GLU A 496 -10.20 -6.21 -10.96
CA GLU A 496 -10.57 -4.81 -11.11
C GLU A 496 -10.58 -4.10 -9.78
N SER A 497 -11.53 -4.47 -8.94
CA SER A 497 -11.72 -3.88 -7.64
C SER A 497 -10.45 -3.51 -6.91
N MET A 498 -9.36 -4.22 -7.17
CA MET A 498 -8.11 -3.91 -6.48
C MET A 498 -7.62 -2.52 -6.84
N ILE A 499 -7.47 -2.26 -8.13
CA ILE A 499 -7.00 -0.97 -8.62
C ILE A 499 -7.97 0.12 -8.26
N GLU A 500 -9.23 -0.08 -8.59
CA GLU A 500 -10.24 0.91 -8.29
C GLU A 500 -10.22 1.33 -6.83
N MET A 501 -10.08 0.36 -5.93
CA MET A 501 -10.05 0.64 -4.50
C MET A 501 -8.67 1.07 -4.02
N GLY A 502 -7.63 0.47 -4.60
CA GLY A 502 -6.26 0.77 -4.21
C GLY A 502 -5.71 2.15 -4.56
N ALA A 503 -5.67 2.46 -5.84
CA ALA A 503 -5.16 3.74 -6.32
C ALA A 503 -5.63 4.96 -5.50
N PRO A 504 -6.94 5.11 -5.31
CA PRO A 504 -7.41 6.26 -4.52
C PRO A 504 -6.58 6.39 -3.24
N PHE A 505 -6.63 5.37 -2.40
CA PHE A 505 -5.87 5.34 -1.17
C PHE A 505 -4.43 5.59 -1.52
N SER A 506 -3.97 4.81 -2.47
CA SER A 506 -2.61 4.87 -2.92
C SER A 506 -2.17 6.29 -3.27
N LEU A 507 -2.66 6.83 -4.38
CA LEU A 507 -2.24 8.16 -4.79
C LEU A 507 -2.62 9.25 -3.81
N LYS A 508 -3.68 9.06 -3.04
CA LYS A 508 -4.06 10.07 -2.06
C LYS A 508 -2.90 10.24 -1.07
N GLY A 509 -2.22 9.12 -0.82
CA GLY A 509 -1.11 9.10 0.10
C GLY A 509 0.24 9.50 -0.47
N LEU A 510 0.51 9.19 -1.74
CA LEU A 510 1.79 9.56 -2.34
C LEU A 510 1.88 11.07 -2.50
N LEU A 511 0.81 11.67 -3.02
CA LEU A 511 0.74 13.12 -3.27
C LEU A 511 0.25 13.93 -2.10
N GLY A 512 -0.25 13.27 -1.07
CA GLY A 512 -0.75 13.98 0.10
C GLY A 512 0.39 14.33 1.04
N ASN A 513 1.58 13.84 0.71
CA ASN A 513 2.74 14.09 1.51
C ASN A 513 3.09 15.56 1.49
N PRO A 514 3.30 16.15 2.67
CA PRO A 514 3.63 17.57 2.75
C PRO A 514 4.71 18.07 1.80
N ILE A 515 5.65 17.22 1.46
CA ILE A 515 6.71 17.66 0.55
C ILE A 515 6.11 17.94 -0.81
N CYS A 516 4.95 17.33 -1.07
CA CYS A 516 4.26 17.50 -2.33
C CYS A 516 3.49 18.82 -2.42
N SER A 517 3.39 19.52 -1.29
CA SER A 517 2.66 20.76 -1.28
C SER A 517 3.46 21.87 -1.92
N PRO A 518 2.78 22.95 -2.33
CA PRO A 518 3.44 24.09 -2.95
C PRO A 518 4.44 24.61 -1.94
N GLU A 519 3.93 24.78 -0.72
CA GLU A 519 4.70 25.28 0.42
C GLU A 519 6.09 24.67 0.53
N TYR A 520 6.16 23.34 0.44
CA TYR A 520 7.39 22.60 0.56
C TYR A 520 8.17 22.34 -0.72
N TRP A 521 7.46 21.96 -1.77
CA TRP A 521 8.06 21.62 -3.07
C TRP A 521 8.96 22.67 -3.75
N LYS A 522 10.00 23.14 -3.06
CA LYS A 522 10.94 24.14 -3.58
C LYS A 522 12.32 23.52 -3.54
N ALA A 523 13.28 24.14 -4.19
CA ALA A 523 14.64 23.60 -4.21
C ALA A 523 15.36 23.90 -2.92
N SER A 524 14.83 24.84 -2.15
CA SER A 524 15.48 25.17 -0.90
C SER A 524 15.09 24.15 0.16
N THR A 525 13.95 23.52 -0.02
CA THR A 525 13.50 22.52 0.95
C THR A 525 14.46 21.34 0.94
N PHE A 526 15.09 21.15 -0.20
CA PHE A 526 16.05 20.08 -0.37
C PHE A 526 17.40 20.75 -0.53
N GLY A 527 17.46 21.97 0.00
CA GLY A 527 18.67 22.77 -0.06
C GLY A 527 19.53 22.49 -1.27
N GLY A 528 19.72 23.51 -2.11
CA GLY A 528 20.52 23.34 -3.32
C GLY A 528 19.65 22.80 -4.42
N GLU A 529 20.10 22.95 -5.66
CA GLU A 529 19.35 22.45 -6.81
C GLU A 529 19.68 20.96 -6.93
N VAL A 530 20.83 20.59 -6.39
CA VAL A 530 21.31 19.20 -6.40
C VAL A 530 20.34 18.28 -5.70
N GLY A 531 19.78 18.76 -4.60
CA GLY A 531 18.82 17.95 -3.89
C GLY A 531 17.61 17.71 -4.78
N PHE A 532 16.99 18.82 -5.22
CA PHE A 532 15.80 18.78 -6.08
C PHE A 532 15.94 17.89 -7.28
N ASN A 533 17.14 17.82 -7.85
CA ASN A 533 17.33 16.96 -9.00
C ASN A 533 17.36 15.49 -8.59
N LEU A 534 17.92 15.18 -7.42
CA LEU A 534 17.97 13.80 -6.97
C LEU A 534 16.54 13.27 -6.89
N VAL A 535 15.63 14.09 -6.37
CA VAL A 535 14.24 13.67 -6.26
C VAL A 535 13.58 13.58 -7.63
N LYS A 536 13.84 14.55 -8.49
CA LYS A 536 13.26 14.57 -9.82
C LYS A 536 13.78 13.47 -10.74
N THR A 537 14.97 12.93 -10.42
CA THR A 537 15.53 11.89 -11.28
C THR A 537 15.79 10.54 -10.62
N ALA A 538 15.19 10.31 -9.45
CA ALA A 538 15.39 9.04 -8.76
C ALA A 538 14.95 7.87 -9.62
N THR A 539 15.48 6.68 -9.33
CA THR A 539 15.16 5.48 -10.10
C THR A 539 15.53 4.30 -9.23
N LEU A 540 15.03 3.12 -9.54
CA LEU A 540 15.39 1.95 -8.75
C LEU A 540 16.82 1.68 -9.15
N LYS A 541 17.02 1.53 -10.45
CA LYS A 541 18.35 1.28 -11.01
C LYS A 541 19.40 2.23 -10.44
N LYS A 542 18.99 3.43 -10.06
CA LYS A 542 19.94 4.36 -9.50
C LYS A 542 20.07 4.17 -7.99
N LEU A 543 18.94 3.93 -7.32
CA LEU A 543 18.96 3.73 -5.87
C LEU A 543 19.97 2.65 -5.53
N VAL A 544 20.05 1.65 -6.40
CA VAL A 544 20.98 0.56 -6.19
C VAL A 544 22.38 0.95 -6.62
N CYS A 545 22.68 0.66 -7.88
CA CYS A 545 23.96 0.92 -8.51
C CYS A 545 24.82 2.13 -8.11
N LEU A 546 24.20 3.12 -7.48
CA LEU A 546 24.96 4.28 -7.03
C LEU A 546 25.50 3.98 -5.63
N ASN A 547 24.84 3.03 -4.98
CA ASN A 547 25.24 2.62 -3.66
C ASN A 547 25.81 1.20 -3.65
N THR A 548 26.43 0.78 -4.74
CA THR A 548 27.02 -0.56 -4.78
C THR A 548 28.38 -0.50 -5.47
N LYS A 549 29.07 -1.64 -5.48
CA LYS A 549 30.37 -1.75 -6.13
C LYS A 549 30.09 -1.88 -7.62
N THR A 550 29.21 -2.81 -7.95
CA THR A 550 28.86 -3.04 -9.33
C THR A 550 27.36 -3.04 -9.57
N CYS A 551 26.99 -2.79 -10.82
CA CYS A 551 25.59 -2.72 -11.20
C CYS A 551 25.07 -4.03 -11.76
N PRO A 552 24.31 -4.77 -10.95
CA PRO A 552 23.72 -6.07 -11.31
C PRO A 552 22.54 -5.83 -12.22
N TYR A 553 21.46 -6.59 -12.04
CA TYR A 553 20.27 -6.40 -12.84
C TYR A 553 19.18 -6.03 -11.85
N VAL A 554 18.58 -4.86 -12.04
CA VAL A 554 17.55 -4.42 -11.13
C VAL A 554 16.34 -3.80 -11.84
N SER A 555 15.15 -4.31 -11.49
CA SER A 555 13.89 -3.82 -12.06
C SER A 555 12.71 -4.46 -11.33
N PHE A 556 11.53 -3.85 -11.48
CA PHE A 556 10.34 -4.33 -10.82
C PHE A 556 9.71 -5.48 -11.59
N HIS A 557 10.41 -5.96 -12.61
CA HIS A 557 9.89 -7.06 -13.39
C HIS A 557 11.04 -7.92 -13.86
N VAL A 558 10.72 -9.13 -14.27
CA VAL A 558 11.72 -10.05 -14.74
C VAL A 558 12.17 -9.65 -16.13
N PRO A 559 13.42 -9.99 -16.47
CA PRO A 559 13.94 -9.66 -17.80
C PRO A 559 13.40 -10.68 -18.79
N ASP A 560 13.61 -10.44 -20.09
CA ASP A 560 13.19 -11.39 -21.12
C ASP A 560 11.66 -11.62 -21.20
#